data_4RHP
#
_entry.id   4RHP
#
_cell.length_a   38.340
_cell.length_b   97.628
_cell.length_c   64.109
_cell.angle_alpha   90.00
_cell.angle_beta   95.77
_cell.angle_gamma   90.00
#
_symmetry.space_group_name_H-M   'P 1 21 1'
#
loop_
_entity.id
_entity.type
_entity.pdbx_description
1 polymer 'Ubiquinone biosynthesis protein COQ9, mitochondrial'
2 non-polymer DI-PALMITOYL-3-SN-PHOSPHATIDYLETHANOLAMINE
3 water water
#
_entity_poly.entity_id   1
_entity_poly.type   'polypeptide(L)'
_entity_poly.pdbx_seq_one_letter_code
;DQGGEEEEDYESEEQLQHRILTAALEFVPAHGWTAEAIAEGAQSLGLSSAAAS(MSE)FGKDGSELILHFVTQCNTRLTR
VLEEEQKLVQLGQAEKRKTDQFLRDAVETRLR(MSE)LIPYIEHWPRALSIL(MSE)LPHNIPSSLSLLTS(MSE)VDD
(MSE)WHYAGDQSTDFNWYTRRA(MSE)LAAIYNTTELV(MSE)(MSE)QDSSPDFEDTWRFLENRVNDA(MSE)N
(MSE)GHTAKQVKSTGEALVQGL(MSE)GAAVTLKNLTGLNQRR
;
_entity_poly.pdbx_strand_id   A,B
#
# COMPACT_ATOMS: atom_id res chain seq x y z
N SER A 12 7.78 -6.95 35.63
CA SER A 12 7.32 -8.03 34.76
C SER A 12 8.32 -8.33 33.64
N GLU A 13 8.08 -9.42 32.92
CA GLU A 13 8.92 -9.77 31.77
C GLU A 13 8.63 -8.85 30.57
N GLU A 14 7.45 -8.24 30.59
CA GLU A 14 7.06 -7.32 29.53
C GLU A 14 7.98 -6.11 29.51
N GLN A 15 8.23 -5.53 30.69
CA GLN A 15 9.07 -4.33 30.81
C GLN A 15 10.49 -4.54 30.30
N LEU A 16 11.15 -5.55 30.85
CA LEU A 16 12.51 -5.91 30.43
C LEU A 16 12.59 -6.02 28.90
N GLN A 17 11.63 -6.73 28.29
CA GLN A 17 11.59 -6.81 26.83
C GLN A 17 11.44 -5.42 26.20
N HIS A 18 10.50 -4.63 26.70
CA HIS A 18 10.40 -3.27 26.21
C HIS A 18 11.78 -2.60 26.29
N ARG A 19 12.48 -2.80 27.39
CA ARG A 19 13.79 -2.16 27.59
C ARG A 19 14.90 -2.71 26.69
N ILE A 20 14.87 -4.00 26.41
CA ILE A 20 15.80 -4.56 25.46
C ILE A 20 15.55 -4.00 24.06
N LEU A 21 14.27 -4.00 23.66
CA LEU A 21 13.87 -3.47 22.35
C LEU A 21 14.30 -2.02 22.16
N THR A 22 14.09 -1.20 23.18
CA THR A 22 14.46 0.22 23.09
C THR A 22 15.96 0.35 23.01
N ALA A 23 16.66 -0.52 23.74
CA ALA A 23 18.12 -0.50 23.70
C ALA A 23 18.66 -1.03 22.39
N ALA A 24 17.92 -1.91 21.75
CA ALA A 24 18.40 -2.47 20.48
C ALA A 24 18.35 -1.42 19.36
N LEU A 25 17.41 -0.49 19.47
CA LEU A 25 17.26 0.58 18.47
C LEU A 25 18.59 1.26 18.20
N GLU A 26 19.38 1.46 19.24
CA GLU A 26 20.70 2.06 19.11
C GLU A 26 21.59 1.32 18.12
N PHE A 27 21.32 0.04 17.91
CA PHE A 27 22.22 -0.77 17.10
C PHE A 27 21.67 -1.08 15.70
N VAL A 28 20.45 -0.64 15.42
CA VAL A 28 19.86 -0.87 14.10
C VAL A 28 20.64 -0.21 12.96
N PRO A 29 21.05 1.05 13.15
CA PRO A 29 21.90 1.66 12.13
C PRO A 29 23.03 0.73 11.68
N ALA A 30 23.76 0.10 12.62
CA ALA A 30 24.85 -0.80 12.25
C ALA A 30 24.42 -2.23 11.88
N HIS A 31 23.46 -2.81 12.62
CA HIS A 31 23.09 -4.22 12.46
C HIS A 31 21.78 -4.51 11.76
N GLY A 32 20.97 -3.46 11.55
CA GLY A 32 19.65 -3.61 10.95
C GLY A 32 18.62 -4.14 11.93
N TRP A 33 17.43 -4.41 11.41
CA TRP A 33 16.28 -4.91 12.17
C TRP A 33 16.41 -6.39 12.33
N THR A 34 17.35 -6.78 13.17
CA THR A 34 17.77 -8.16 13.25
C THR A 34 18.02 -8.56 14.69
N ALA A 35 18.10 -9.87 14.92
CA ALA A 35 18.46 -10.39 16.23
C ALA A 35 19.83 -9.88 16.68
N GLU A 36 20.70 -9.60 15.72
CA GLU A 36 22.02 -9.03 16.04
C GLU A 36 21.83 -7.74 16.82
N ALA A 37 20.97 -6.87 16.31
CA ALA A 37 20.62 -5.64 16.99
C ALA A 37 20.15 -5.90 18.42
N ILE A 38 19.24 -6.86 18.56
CA ILE A 38 18.64 -7.17 19.85
C ILE A 38 19.67 -7.69 20.84
N ALA A 39 20.53 -8.59 20.37
CA ALA A 39 21.62 -9.10 21.20
C ALA A 39 22.54 -7.97 21.70
N GLU A 40 22.90 -7.06 20.80
CA GLU A 40 23.72 -5.92 21.18
C GLU A 40 22.99 -5.11 22.22
N GLY A 41 21.69 -4.93 22.01
CA GLY A 41 20.89 -4.20 22.97
C GLY A 41 20.90 -4.88 24.32
N ALA A 42 20.67 -6.18 24.34
CA ALA A 42 20.71 -6.90 25.60
C ALA A 42 22.07 -6.74 26.26
N GLN A 43 23.15 -6.95 25.49
CA GLN A 43 24.50 -6.81 26.01
C GLN A 43 24.75 -5.42 26.58
N SER A 44 24.08 -4.43 26.04
CA SER A 44 24.28 -3.06 26.49
C SER A 44 23.61 -2.81 27.84
N LEU A 45 22.64 -3.65 28.17
CA LEU A 45 22.02 -3.60 29.48
C LEU A 45 22.69 -4.60 30.41
N GLY A 46 23.84 -5.10 29.99
CA GLY A 46 24.59 -6.05 30.81
C GLY A 46 23.88 -7.38 30.89
N LEU A 47 23.35 -7.83 29.76
CA LEU A 47 22.73 -9.13 29.64
C LEU A 47 23.53 -9.95 28.63
N SER A 48 23.41 -11.27 28.68
CA SER A 48 24.04 -12.09 27.65
C SER A 48 23.28 -11.95 26.33
N SER A 49 23.96 -12.20 25.22
CA SER A 49 23.31 -12.09 23.91
C SER A 49 22.17 -13.08 23.85
N ALA A 50 22.23 -14.10 24.72
CA ALA A 50 21.23 -15.18 24.76
C ALA A 50 19.82 -14.70 25.09
N ALA A 51 19.71 -13.51 25.66
CA ALA A 51 18.41 -12.93 26.00
C ALA A 51 17.65 -12.53 24.74
N ALA A 52 18.33 -12.49 23.60
CA ALA A 52 17.67 -12.22 22.33
C ALA A 52 16.81 -13.43 21.93
N SER A 53 17.27 -14.61 22.34
CA SER A 53 16.49 -15.83 22.22
C SER A 53 15.03 -15.62 22.65
N PHE A 55 13.10 -13.30 21.81
CA PHE A 55 12.37 -12.59 20.76
C PHE A 55 12.53 -13.36 19.47
N GLY A 56 11.74 -13.00 18.47
CA GLY A 56 11.81 -13.64 17.17
C GLY A 56 13.04 -13.21 16.41
N LYS A 57 13.52 -14.08 15.53
CA LYS A 57 14.67 -13.76 14.66
C LYS A 57 14.26 -12.88 13.49
N ASP A 58 12.95 -12.70 13.36
CA ASP A 58 12.38 -11.94 12.25
C ASP A 58 12.96 -10.52 12.19
N GLY A 59 12.75 -9.76 13.25
CA GLY A 59 13.01 -8.33 13.25
C GLY A 59 11.70 -7.59 13.47
N SER A 60 10.60 -8.31 13.31
CA SER A 60 9.27 -7.75 13.33
C SER A 60 8.92 -7.06 14.65
N GLU A 61 9.28 -7.69 15.77
CA GLU A 61 8.97 -7.12 17.08
C GLU A 61 9.70 -5.82 17.32
N LEU A 62 10.95 -5.75 16.91
CA LEU A 62 11.74 -4.54 17.04
C LEU A 62 11.19 -3.40 16.15
N ILE A 63 10.82 -3.75 14.92
CA ILE A 63 10.26 -2.77 14.01
C ILE A 63 8.94 -2.27 14.56
N LEU A 64 8.11 -3.21 14.97
CA LEU A 64 6.79 -2.85 15.47
C LEU A 64 6.95 -1.98 16.71
N HIS A 65 7.94 -2.30 17.55
CA HIS A 65 8.20 -1.54 18.76
C HIS A 65 8.54 -0.10 18.38
N PHE A 66 9.46 0.05 17.45
CA PHE A 66 9.88 1.35 16.93
C PHE A 66 8.71 2.19 16.36
N VAL A 67 7.88 1.55 15.53
CA VAL A 67 6.71 2.20 14.96
C VAL A 67 5.75 2.74 16.04
N THR A 68 5.44 1.90 17.03
CA THR A 68 4.55 2.35 18.10
C THR A 68 5.17 3.49 18.93
N GLN A 69 6.48 3.42 19.19
CA GLN A 69 7.18 4.54 19.83
C GLN A 69 7.15 5.86 19.02
N CYS A 70 7.26 5.76 17.70
CA CYS A 70 7.22 6.97 16.85
C CYS A 70 5.82 7.57 16.84
N ASN A 71 4.82 6.70 16.80
CA ASN A 71 3.43 7.16 16.80
C ASN A 71 3.10 7.85 18.11
N THR A 72 3.67 7.32 19.19
CA THR A 72 3.43 7.87 20.54
C THR A 72 4.10 9.23 20.66
N ARG A 73 5.34 9.30 20.21
CA ARG A 73 6.08 10.53 20.18
C ARG A 73 5.40 11.58 19.27
N LEU A 74 4.85 11.16 18.13
CA LEU A 74 4.09 12.07 17.27
C LEU A 74 2.88 12.69 17.98
N THR A 75 2.08 11.83 18.64
CA THR A 75 0.94 12.28 19.44
C THR A 75 1.36 13.36 20.44
N ARG A 76 2.47 13.12 21.12
CA ARG A 76 2.96 14.09 22.08
C ARG A 76 3.37 15.40 21.42
N VAL A 77 3.95 15.34 20.22
CA VAL A 77 4.35 16.56 19.53
C VAL A 77 3.14 17.36 19.10
N LEU A 78 2.14 16.66 18.59
CA LEU A 78 0.90 17.29 18.12
C LEU A 78 0.14 17.90 19.32
N GLU A 79 0.20 17.22 20.46
CA GLU A 79 -0.32 17.77 21.69
C GLU A 79 0.38 19.09 22.08
N GLU A 80 1.70 19.15 21.91
CA GLU A 80 2.45 20.38 22.22
C GLU A 80 2.09 21.53 21.30
N GLU A 81 1.94 21.23 20.01
CA GLU A 81 1.58 22.27 19.07
C GLU A 81 0.16 22.76 19.37
N GLN A 82 -0.73 21.87 19.76
CA GLN A 82 -2.10 22.31 20.01
C GLN A 82 -2.16 23.25 21.22
N LYS A 83 -1.41 22.92 22.26
CA LYS A 83 -1.35 23.76 23.44
C LYS A 83 -0.71 25.12 23.17
N LEU A 84 0.28 25.16 22.29
CA LEU A 84 0.85 26.44 21.86
C LEU A 84 -0.23 27.33 21.27
N VAL A 85 -1.07 26.75 20.43
CA VAL A 85 -2.17 27.48 19.82
C VAL A 85 -3.15 27.99 20.88
N GLN A 86 -3.46 27.14 21.87
CA GLN A 86 -4.44 27.49 22.89
C GLN A 86 -3.87 28.51 23.89
N LEU A 87 -2.56 28.69 23.87
CA LEU A 87 -1.92 29.72 24.67
C LEU A 87 -1.95 31.06 23.95
N GLY A 88 -2.25 31.02 22.65
CA GLY A 88 -2.17 32.22 21.83
C GLY A 88 -0.77 32.47 21.28
N GLN A 89 0.10 31.49 21.47
CA GLN A 89 1.50 31.63 21.07
C GLN A 89 1.76 31.19 19.63
N ALA A 90 0.76 30.59 18.99
CA ALA A 90 0.84 30.29 17.56
C ALA A 90 -0.56 30.41 17.01
N GLU A 91 -0.70 30.50 15.70
CA GLU A 91 -2.05 30.54 15.12
C GLU A 91 -2.43 29.19 14.51
N LYS A 92 -3.72 28.88 14.53
CA LYS A 92 -4.18 27.61 14.01
C LYS A 92 -3.77 27.51 12.54
N ARG A 93 -3.08 26.44 12.19
CA ARG A 93 -2.69 26.27 10.82
C ARG A 93 -3.84 25.70 10.01
N LYS A 94 -3.86 26.01 8.72
CA LYS A 94 -4.79 25.37 7.82
C LYS A 94 -4.53 23.87 7.72
N THR A 95 -5.59 23.11 7.49
CA THR A 95 -5.53 21.68 7.34
C THR A 95 -4.36 21.20 6.48
N ASP A 96 -4.25 21.74 5.27
CA ASP A 96 -3.18 21.31 4.38
C ASP A 96 -1.81 21.57 4.98
N GLN A 97 -1.64 22.71 5.62
CA GLN A 97 -0.34 23.05 6.21
C GLN A 97 -0.08 22.14 7.40
N PHE A 98 -1.15 21.85 8.13
CA PHE A 98 -1.07 21.02 9.31
C PHE A 98 -0.66 19.60 8.91
N LEU A 99 -1.32 19.07 7.89
CA LEU A 99 -1.04 17.74 7.42
C LEU A 99 0.38 17.64 6.86
N ARG A 100 0.83 18.66 6.16
CA ARG A 100 2.20 18.64 5.65
C ARG A 100 3.20 18.61 6.78
N ASP A 101 2.93 19.37 7.84
CA ASP A 101 3.85 19.42 8.98
C ASP A 101 3.85 18.09 9.73
N ALA A 102 2.65 17.55 9.94
CA ALA A 102 2.52 16.37 10.75
C ALA A 102 3.21 15.19 10.05
N VAL A 103 2.91 14.99 8.76
CA VAL A 103 3.61 13.97 8.00
C VAL A 103 5.14 14.16 7.98
N GLU A 104 5.62 15.38 7.81
CA GLU A 104 7.08 15.64 7.88
C GLU A 104 7.69 15.25 9.22
N THR A 105 7.05 15.68 10.30
CA THR A 105 7.49 15.33 11.66
C THR A 105 7.59 13.80 11.89
N ARG A 106 6.61 13.07 11.35
CA ARG A 106 6.56 11.63 11.54
C ARG A 106 7.66 10.94 10.72
N LEU A 107 7.81 11.31 9.46
CA LEU A 107 8.83 10.69 8.61
C LEU A 107 10.26 11.06 9.00
N ARG A 108 10.47 12.26 9.55
CA ARG A 108 11.82 12.64 10.00
C ARG A 108 12.38 11.73 11.07
N LEU A 110 12.34 8.66 10.87
CA LEU A 110 12.93 7.54 10.13
C LEU A 110 14.39 7.74 9.82
N ILE A 111 14.83 8.99 9.76
CA ILE A 111 16.12 9.34 9.18
C ILE A 111 17.33 8.50 9.68
N PRO A 112 17.54 8.44 11.00
CA PRO A 112 18.70 7.65 11.49
C PRO A 112 18.69 6.17 11.04
N TYR A 113 17.54 5.68 10.58
CA TYR A 113 17.33 4.26 10.34
C TYR A 113 17.11 4.01 8.87
N ILE A 114 17.24 5.05 8.07
CA ILE A 114 16.74 5.02 6.70
C ILE A 114 17.41 3.95 5.80
N GLU A 115 18.68 3.67 6.02
CA GLU A 115 19.33 2.61 5.25
C GLU A 115 18.60 1.27 5.38
N HIS A 116 17.99 1.01 6.54
CA HIS A 116 17.36 -0.28 6.76
C HIS A 116 15.84 -0.25 6.68
N TRP A 117 15.28 0.94 6.42
CA TRP A 117 13.84 1.11 6.44
C TRP A 117 13.12 0.39 5.29
N PRO A 118 13.70 0.37 4.08
CA PRO A 118 13.03 -0.40 3.00
C PRO A 118 12.86 -1.88 3.36
N ARG A 119 13.84 -2.49 4.01
CA ARG A 119 13.61 -3.85 4.46
C ARG A 119 12.51 -3.90 5.53
N ALA A 120 12.46 -2.89 6.40
CA ALA A 120 11.48 -2.88 7.49
C ALA A 120 10.06 -2.81 6.93
N LEU A 121 9.90 -1.99 5.90
CA LEU A 121 8.62 -1.82 5.23
C LEU A 121 8.20 -3.14 4.62
N SER A 122 9.14 -3.86 4.04
CA SER A 122 8.79 -5.14 3.41
C SER A 122 8.35 -6.16 4.46
N ILE A 123 8.98 -6.09 5.63
CA ILE A 123 8.56 -6.94 6.75
C ILE A 123 7.17 -6.50 7.27
N LEU A 124 6.98 -5.20 7.44
CA LEU A 124 5.67 -4.73 7.90
C LEU A 124 4.57 -5.28 6.98
N LEU A 126 4.40 -8.23 5.36
CA LEU A 126 4.12 -9.65 5.45
C LEU A 126 2.73 -9.89 6.07
N PRO A 127 2.02 -10.92 5.60
CA PRO A 127 0.66 -11.22 6.05
C PRO A 127 0.50 -11.34 7.58
N HIS A 128 1.49 -11.87 8.29
CA HIS A 128 1.39 -12.03 9.72
C HIS A 128 1.74 -10.74 10.50
N ASN A 129 2.29 -9.76 9.80
CA ASN A 129 2.56 -8.47 10.44
C ASN A 129 1.48 -7.46 10.10
N ILE A 130 0.76 -7.75 9.02
CA ILE A 130 -0.22 -6.83 8.46
C ILE A 130 -1.30 -6.31 9.43
N PRO A 131 -1.95 -7.21 10.19
CA PRO A 131 -2.95 -6.73 11.15
C PRO A 131 -2.39 -5.66 12.08
N SER A 132 -1.22 -5.94 12.68
CA SER A 132 -0.56 -4.99 13.56
C SER A 132 -0.12 -3.73 12.82
N SER A 133 0.53 -3.95 11.68
CA SER A 133 1.04 -2.87 10.84
C SER A 133 -0.06 -1.85 10.45
N LEU A 134 -1.15 -2.38 9.91
CA LEU A 134 -2.24 -1.57 9.45
C LEU A 134 -2.88 -0.87 10.63
N SER A 135 -2.85 -1.55 11.77
CA SER A 135 -3.53 -1.03 12.95
C SER A 135 -2.78 0.19 13.50
N LEU A 136 -1.46 0.06 13.60
CA LEU A 136 -0.62 1.19 13.95
C LEU A 136 -0.83 2.34 12.97
N LEU A 137 -0.97 2.02 11.69
CA LEU A 137 -1.13 3.05 10.68
C LEU A 137 -2.48 3.77 10.76
N THR A 138 -3.57 3.01 10.96
CA THR A 138 -4.88 3.65 11.11
C THR A 138 -4.96 4.55 12.35
N SER A 139 -4.41 4.09 13.48
CA SER A 139 -4.38 4.92 14.68
C SER A 139 -3.61 6.23 14.46
N VAL A 141 -3.04 7.84 11.58
CA VAL A 141 -3.84 8.70 10.70
C VAL A 141 -5.09 9.31 11.40
N ASP A 142 -5.77 8.51 12.23
CA ASP A 142 -6.94 9.01 12.96
C ASP A 142 -6.45 10.13 13.87
N ASP A 143 -5.30 9.90 14.47
CA ASP A 143 -4.70 10.84 15.39
C ASP A 143 -4.34 12.18 14.71
N TRP A 145 -5.68 13.44 12.02
CA TRP A 145 -6.94 14.09 11.72
C TRP A 145 -7.53 14.72 12.99
N HIS A 146 -7.46 14.00 14.11
CA HIS A 146 -7.96 14.55 15.35
C HIS A 146 -7.32 15.90 15.65
N TYR A 147 -5.99 15.97 15.62
CA TYR A 147 -5.32 17.23 15.87
C TYR A 147 -5.50 18.24 14.74
N ALA A 148 -5.78 17.74 13.54
CA ALA A 148 -6.03 18.63 12.42
C ALA A 148 -7.29 19.48 12.64
N GLY A 149 -8.28 18.91 13.32
CA GLY A 149 -9.55 19.58 13.48
C GLY A 149 -10.49 19.21 12.35
N ASP A 150 -11.22 18.12 12.53
CA ASP A 150 -12.15 17.62 11.52
C ASP A 150 -13.17 18.68 11.07
N GLN A 151 -13.30 19.73 11.87
CA GLN A 151 -14.21 20.82 11.55
C GLN A 151 -13.89 21.39 10.17
N SER A 152 -12.61 21.32 9.81
CA SER A 152 -12.16 21.81 8.52
C SER A 152 -11.96 20.67 7.51
N THR A 153 -13.06 20.14 7.00
CA THR A 153 -13.02 19.10 5.97
C THR A 153 -14.43 18.63 5.59
N ASP A 154 -14.62 18.35 4.30
CA ASP A 154 -15.88 17.83 3.77
C ASP A 154 -15.82 16.36 3.37
N PHE A 155 -14.91 15.61 3.98
CA PHE A 155 -14.75 14.21 3.67
C PHE A 155 -15.27 13.34 4.81
N ASN A 156 -15.72 12.15 4.47
CA ASN A 156 -16.13 11.20 5.49
C ASN A 156 -14.90 10.52 6.09
N TRP A 157 -15.09 9.85 7.21
CA TRP A 157 -14.03 9.14 7.90
C TRP A 157 -13.21 8.27 6.94
N TYR A 158 -13.89 7.72 5.93
CA TYR A 158 -13.25 6.74 5.06
C TYR A 158 -12.26 7.38 4.09
N THR A 159 -12.70 8.46 3.46
CA THR A 159 -11.92 9.22 2.52
C THR A 159 -10.70 9.87 3.20
N ARG A 160 -10.92 10.48 4.36
CA ARG A 160 -9.87 11.08 5.17
C ARG A 160 -8.82 10.05 5.54
N ARG A 161 -9.29 8.89 5.94
CA ARG A 161 -8.40 7.85 6.37
C ARG A 161 -7.58 7.30 5.21
N ALA A 162 -8.26 6.97 4.12
CA ALA A 162 -7.58 6.38 2.96
C ALA A 162 -6.61 7.38 2.33
N LEU A 164 -5.19 10.14 3.69
CA LEU A 164 -4.02 10.44 4.51
C LEU A 164 -3.02 9.24 4.58
N ALA A 165 -3.54 8.01 4.70
CA ALA A 165 -2.64 6.83 4.69
C ALA A 165 -1.83 6.81 3.40
N ALA A 166 -2.47 7.12 2.28
CA ALA A 166 -1.83 7.08 0.96
C ALA A 166 -0.76 8.15 0.83
N ILE A 167 -1.13 9.38 1.19
CA ILE A 167 -0.18 10.49 1.25
C ILE A 167 1.05 10.07 2.06
N TYR A 168 0.81 9.42 3.20
CA TYR A 168 1.89 9.00 4.08
C TYR A 168 2.73 7.87 3.47
N ASN A 169 2.07 6.84 2.95
CA ASN A 169 2.83 5.71 2.40
C ASN A 169 3.61 6.07 1.14
N THR A 170 2.99 6.88 0.29
CA THR A 170 3.68 7.28 -0.94
C THR A 170 4.90 8.15 -0.67
N THR A 171 4.75 9.05 0.31
CA THR A 171 5.82 10.00 0.67
C THR A 171 6.97 9.21 1.30
N GLU A 172 6.62 8.23 2.12
CA GLU A 172 7.59 7.37 2.76
C GLU A 172 8.39 6.58 1.69
N LEU A 173 7.70 6.07 0.67
CA LEU A 173 8.36 5.31 -0.40
C LEU A 173 9.34 6.21 -1.16
N VAL A 174 8.87 7.39 -1.48
CA VAL A 174 9.60 8.31 -2.30
C VAL A 174 10.84 8.78 -1.54
N GLN A 177 14.21 6.97 -1.88
CA GLN A 177 15.00 7.17 -3.08
C GLN A 177 15.54 8.59 -3.14
N ASP A 178 15.36 9.34 -2.06
CA ASP A 178 15.65 10.76 -2.10
C ASP A 178 17.09 11.12 -1.70
N SER A 179 17.90 11.57 -2.65
CA SER A 179 19.24 12.00 -2.29
C SER A 179 19.36 13.51 -2.16
N SER A 180 18.24 14.21 -2.22
CA SER A 180 18.25 15.67 -2.12
C SER A 180 18.65 16.12 -0.72
N PRO A 181 19.24 17.32 -0.60
CA PRO A 181 19.67 17.79 0.71
C PRO A 181 18.48 18.00 1.66
N ASP A 182 18.54 17.29 2.79
CA ASP A 182 17.51 17.32 3.80
C ASP A 182 16.14 16.92 3.24
N PHE A 183 16.12 15.95 2.33
CA PHE A 183 14.89 15.38 1.78
C PHE A 183 13.92 16.42 1.18
N GLU A 184 14.47 17.56 0.83
CA GLU A 184 13.74 18.61 0.12
C GLU A 184 12.75 18.07 -0.95
N ASP A 185 13.19 17.14 -1.79
CA ASP A 185 12.32 16.55 -2.81
C ASP A 185 11.15 15.77 -2.21
N THR A 186 11.38 15.11 -1.07
CA THR A 186 10.32 14.39 -0.37
C THR A 186 9.22 15.33 0.13
N TRP A 187 9.61 16.45 0.73
CA TRP A 187 8.63 17.43 1.23
C TRP A 187 7.85 18.06 0.10
N ARG A 188 8.52 18.29 -1.03
CA ARG A 188 7.86 18.82 -2.21
C ARG A 188 6.83 17.82 -2.74
N PHE A 189 7.17 16.54 -2.74
CA PHE A 189 6.24 15.53 -3.21
C PHE A 189 5.01 15.52 -2.26
N LEU A 190 5.30 15.67 -0.97
CA LEU A 190 4.32 15.61 0.09
C LEU A 190 3.32 16.76 -0.06
N GLU A 191 3.86 17.95 -0.23
CA GLU A 191 3.04 19.13 -0.54
C GLU A 191 2.08 18.88 -1.71
N ASN A 192 2.60 18.28 -2.78
CA ASN A 192 1.80 18.00 -3.96
C ASN A 192 0.68 17.02 -3.67
N ARG A 193 1.02 15.95 -2.94
CA ARG A 193 0.05 14.94 -2.57
C ARG A 193 -1.06 15.53 -1.68
N VAL A 194 -0.67 16.38 -0.74
CA VAL A 194 -1.64 17.06 0.10
C VAL A 194 -2.51 18.03 -0.71
N ASN A 195 -1.90 18.75 -1.66
CA ASN A 195 -2.68 19.56 -2.59
C ASN A 195 -3.70 18.70 -3.33
N ASP A 196 -3.25 17.55 -3.82
CA ASP A 196 -4.15 16.59 -4.46
C ASP A 196 -5.36 16.22 -3.61
N ALA A 197 -5.14 15.97 -2.32
CA ALA A 197 -6.21 15.49 -1.46
C ALA A 197 -7.17 16.62 -1.13
N ASN A 199 -7.86 19.03 -3.06
CA ASN A 199 -8.56 19.42 -4.30
C ASN A 199 -9.61 18.46 -4.83
N TYR B 10 -31.10 2.94 -28.15
CA TYR B 10 -29.85 3.39 -28.77
C TYR B 10 -28.62 3.17 -27.90
N GLU B 11 -28.08 4.25 -27.37
CA GLU B 11 -26.92 4.18 -26.50
C GLU B 11 -26.94 5.31 -25.47
N SER B 12 -26.89 4.94 -24.19
CA SER B 12 -26.76 5.90 -23.11
C SER B 12 -25.35 6.50 -23.11
N GLU B 13 -25.16 7.62 -22.42
CA GLU B 13 -23.83 8.16 -22.27
C GLU B 13 -22.95 7.17 -21.49
N GLU B 14 -23.60 6.45 -20.58
CA GLU B 14 -22.98 5.41 -19.78
C GLU B 14 -22.32 4.37 -20.69
N GLN B 15 -23.12 3.81 -21.58
CA GLN B 15 -22.63 2.81 -22.52
C GLN B 15 -21.54 3.35 -23.45
N LEU B 16 -21.60 4.65 -23.78
CA LEU B 16 -20.70 5.22 -24.76
C LEU B 16 -19.30 5.28 -24.21
N GLN B 17 -19.20 5.81 -22.99
CA GLN B 17 -17.92 5.93 -22.32
C GLN B 17 -17.28 4.57 -22.15
N HIS B 18 -18.07 3.59 -21.76
CA HIS B 18 -17.53 2.26 -21.57
C HIS B 18 -16.88 1.81 -22.86
N ARG B 19 -17.60 2.04 -23.96
CA ARG B 19 -17.17 1.62 -25.29
C ARG B 19 -15.83 2.25 -25.63
N ILE B 20 -15.69 3.55 -25.36
CA ILE B 20 -14.43 4.27 -25.61
C ILE B 20 -13.26 3.76 -24.78
N LEU B 21 -13.48 3.67 -23.46
CA LEU B 21 -12.51 3.11 -22.54
C LEU B 21 -12.09 1.70 -22.93
N THR B 22 -13.05 0.87 -23.33
CA THR B 22 -12.73 -0.49 -23.75
C THR B 22 -11.81 -0.45 -24.98
N ALA B 23 -12.16 0.36 -25.96
CA ALA B 23 -11.35 0.50 -27.16
C ALA B 23 -10.00 1.20 -26.90
N ALA B 24 -9.93 2.04 -25.87
CA ALA B 24 -8.65 2.68 -25.55
C ALA B 24 -7.61 1.69 -25.01
N LEU B 25 -8.09 0.62 -24.39
CA LEU B 25 -7.19 -0.42 -23.88
C LEU B 25 -6.25 -0.94 -24.97
N GLU B 26 -6.74 -0.97 -26.20
CA GLU B 26 -5.97 -1.50 -27.33
C GLU B 26 -4.74 -0.67 -27.57
N PHE B 27 -4.83 0.61 -27.21
CA PHE B 27 -3.79 1.57 -27.52
C PHE B 27 -2.87 1.81 -26.34
N VAL B 28 -3.22 1.25 -25.19
CA VAL B 28 -2.41 1.46 -23.99
C VAL B 28 -0.98 0.99 -24.27
N PRO B 29 -0.83 -0.24 -24.76
CA PRO B 29 0.52 -0.75 -24.99
C PRO B 29 1.37 0.20 -25.80
N ALA B 30 0.75 1.21 -26.41
CA ALA B 30 1.46 2.12 -27.29
C ALA B 30 1.57 3.53 -26.73
N HIS B 31 0.51 4.01 -26.10
CA HIS B 31 0.48 5.37 -25.55
C HIS B 31 0.48 5.35 -24.02
N GLY B 32 0.44 4.16 -23.44
CA GLY B 32 0.34 4.01 -22.00
C GLY B 32 -1.01 4.41 -21.42
N TRP B 33 -1.10 4.41 -20.10
CA TRP B 33 -2.35 4.70 -19.39
C TRP B 33 -2.65 6.19 -19.31
N THR B 34 -2.99 6.77 -20.45
CA THR B 34 -3.05 8.22 -20.58
C THR B 34 -4.23 8.71 -21.42
N ALA B 35 -4.53 10.00 -21.29
CA ALA B 35 -5.59 10.60 -22.09
C ALA B 35 -5.27 10.50 -23.58
N GLU B 36 -4.02 10.20 -23.90
CA GLU B 36 -3.61 9.97 -25.28
C GLU B 36 -4.26 8.71 -25.81
N ALA B 37 -4.19 7.65 -25.02
CA ALA B 37 -4.76 6.38 -25.42
C ALA B 37 -6.30 6.48 -25.47
N ILE B 38 -6.87 7.27 -24.57
CA ILE B 38 -8.32 7.53 -24.55
C ILE B 38 -8.77 8.15 -25.87
N ALA B 39 -7.92 9.02 -26.42
CA ALA B 39 -8.23 9.72 -27.65
C ALA B 39 -8.19 8.77 -28.84
N GLU B 40 -7.13 7.98 -28.92
CA GLU B 40 -6.99 7.02 -30.01
C GLU B 40 -8.12 6.00 -29.98
N GLY B 41 -8.58 5.66 -28.77
CA GLY B 41 -9.71 4.78 -28.61
C GLY B 41 -10.95 5.39 -29.24
N ALA B 42 -11.27 6.60 -28.80
CA ALA B 42 -12.46 7.31 -29.27
C ALA B 42 -12.42 7.48 -30.79
N GLN B 43 -11.23 7.67 -31.33
CA GLN B 43 -11.07 7.88 -32.75
C GLN B 43 -11.20 6.59 -33.54
N SER B 44 -10.74 5.48 -32.97
CA SER B 44 -10.87 4.20 -33.65
C SER B 44 -12.34 3.81 -33.78
N LEU B 45 -13.19 4.55 -33.06
CA LEU B 45 -14.62 4.27 -33.02
C LEU B 45 -15.34 5.19 -33.97
N GLY B 46 -14.59 6.03 -34.67
CA GLY B 46 -15.10 7.00 -35.60
C GLY B 46 -15.28 8.39 -34.99
N LEU B 47 -15.08 8.49 -33.68
CA LEU B 47 -15.32 9.77 -33.01
C LEU B 47 -14.25 10.80 -33.33
N SER B 48 -14.68 12.05 -33.51
CA SER B 48 -13.77 13.14 -33.79
C SER B 48 -12.83 13.35 -32.61
N SER B 49 -11.65 13.90 -32.88
CA SER B 49 -10.69 14.21 -31.82
C SER B 49 -11.28 15.24 -30.86
N ALA B 50 -12.14 16.10 -31.41
CA ALA B 50 -12.88 17.07 -30.62
C ALA B 50 -13.82 16.36 -29.64
N ALA B 51 -14.56 15.38 -30.14
CA ALA B 51 -15.49 14.61 -29.33
C ALA B 51 -14.74 13.71 -28.34
N ALA B 52 -13.47 13.45 -28.64
CA ALA B 52 -12.64 12.53 -27.87
C ALA B 52 -12.23 13.08 -26.49
N SER B 53 -12.59 14.32 -26.22
CA SER B 53 -12.28 14.97 -24.95
C SER B 53 -13.45 14.84 -23.98
N PHE B 55 -12.51 12.79 -20.77
CA PHE B 55 -11.85 12.07 -19.68
C PHE B 55 -10.59 12.79 -19.23
N GLY B 56 -10.25 12.65 -17.95
CA GLY B 56 -9.11 13.35 -17.37
C GLY B 56 -7.75 12.99 -17.95
N LYS B 57 -6.97 14.02 -18.28
CA LYS B 57 -5.67 13.85 -18.92
C LYS B 57 -4.75 12.84 -18.21
N ASP B 58 -5.17 12.41 -17.03
CA ASP B 58 -4.37 11.55 -16.16
C ASP B 58 -4.42 10.08 -16.55
N GLY B 59 -5.51 9.67 -17.21
CA GLY B 59 -5.70 8.27 -17.56
C GLY B 59 -6.23 7.42 -16.41
N SER B 60 -6.60 8.06 -15.31
CA SER B 60 -7.09 7.31 -14.15
C SER B 60 -8.43 6.62 -14.38
N GLU B 61 -9.37 7.31 -15.02
CA GLU B 61 -10.65 6.66 -15.33
C GLU B 61 -10.44 5.43 -16.22
N LEU B 62 -9.46 5.50 -17.11
CA LEU B 62 -9.16 4.36 -17.97
C LEU B 62 -8.57 3.24 -17.14
N ILE B 63 -7.71 3.60 -16.18
CA ILE B 63 -7.14 2.61 -15.29
C ILE B 63 -8.24 1.97 -14.43
N LEU B 64 -9.06 2.79 -13.79
CA LEU B 64 -10.12 2.24 -12.96
C LEU B 64 -11.07 1.35 -13.78
N HIS B 65 -11.44 1.82 -14.97
CA HIS B 65 -12.20 1.03 -15.91
C HIS B 65 -11.62 -0.37 -16.03
N PHE B 66 -10.34 -0.42 -16.37
CA PHE B 66 -9.63 -1.69 -16.56
C PHE B 66 -9.70 -2.59 -15.32
N VAL B 67 -9.54 -1.99 -14.14
CA VAL B 67 -9.48 -2.76 -12.91
C VAL B 67 -10.82 -3.42 -12.64
N THR B 68 -11.89 -2.65 -12.82
CA THR B 68 -13.23 -3.16 -12.53
C THR B 68 -13.59 -4.25 -13.54
N GLN B 69 -13.22 -4.02 -14.79
CA GLN B 69 -13.36 -5.04 -15.82
C GLN B 69 -12.60 -6.32 -15.46
N CYS B 70 -11.43 -6.18 -14.86
CA CYS B 70 -10.68 -7.38 -14.46
C CYS B 70 -11.37 -8.10 -13.30
N ASN B 71 -11.85 -7.32 -12.33
CA ASN B 71 -12.56 -7.88 -11.20
C ASN B 71 -13.87 -8.54 -11.64
N THR B 72 -14.55 -7.89 -12.57
CA THR B 72 -15.74 -8.48 -13.18
C THR B 72 -15.39 -9.80 -13.84
N ARG B 73 -14.31 -9.83 -14.59
CA ARG B 73 -13.86 -11.06 -15.21
C ARG B 73 -13.57 -12.13 -14.13
N LEU B 74 -12.90 -11.71 -13.05
CA LEU B 74 -12.60 -12.60 -11.94
C LEU B 74 -13.87 -13.23 -11.35
N THR B 75 -14.85 -12.40 -11.04
CA THR B 75 -16.07 -12.87 -10.42
C THR B 75 -16.70 -13.96 -11.29
N ARG B 76 -16.66 -13.75 -12.59
CA ARG B 76 -17.21 -14.72 -13.53
C ARG B 76 -16.49 -16.06 -13.47
N VAL B 77 -15.16 -16.04 -13.39
CA VAL B 77 -14.40 -17.28 -13.34
C VAL B 77 -14.73 -18.05 -12.07
N LEU B 78 -14.75 -17.36 -10.94
CA LEU B 78 -14.95 -18.00 -9.66
C LEU B 78 -16.36 -18.57 -9.51
N GLU B 79 -17.35 -17.83 -9.99
CA GLU B 79 -18.74 -18.29 -9.95
C GLU B 79 -18.85 -19.61 -10.70
N GLU B 80 -18.19 -19.69 -11.84
CA GLU B 80 -18.23 -20.86 -12.70
C GLU B 80 -17.57 -22.08 -12.08
N GLU B 81 -16.41 -21.88 -11.46
CA GLU B 81 -15.72 -22.98 -10.79
C GLU B 81 -16.53 -23.43 -9.57
N GLN B 82 -17.23 -22.48 -8.95
CA GLN B 82 -18.15 -22.82 -7.87
C GLN B 82 -19.30 -23.66 -8.42
N LYS B 83 -19.75 -23.33 -9.62
CA LYS B 83 -20.80 -24.09 -10.28
C LYS B 83 -20.42 -25.56 -10.52
N LEU B 84 -19.14 -25.81 -10.80
CA LEU B 84 -18.69 -27.19 -11.00
C LEU B 84 -18.71 -27.99 -9.71
N VAL B 85 -18.24 -27.38 -8.63
CA VAL B 85 -18.29 -27.99 -7.31
C VAL B 85 -19.71 -28.41 -7.00
N GLN B 86 -20.64 -27.47 -7.16
CA GLN B 86 -22.06 -27.72 -6.91
C GLN B 86 -22.63 -28.83 -7.80
N LEU B 87 -22.01 -29.04 -8.96
CA LEU B 87 -22.45 -30.07 -9.90
C LEU B 87 -21.62 -31.36 -9.75
N GLY B 88 -20.97 -31.52 -8.62
CA GLY B 88 -20.14 -32.68 -8.37
C GLY B 88 -19.08 -32.93 -9.43
N GLN B 89 -18.98 -32.02 -10.39
CA GLN B 89 -18.04 -32.16 -11.50
C GLN B 89 -16.61 -31.81 -11.11
N ALA B 90 -16.45 -31.13 -9.98
CA ALA B 90 -15.13 -30.71 -9.53
C ALA B 90 -15.00 -30.82 -8.01
N GLU B 91 -13.81 -31.16 -7.54
CA GLU B 91 -13.58 -31.29 -6.11
C GLU B 91 -13.19 -29.96 -5.46
N LYS B 92 -13.91 -29.59 -4.39
CA LYS B 92 -13.61 -28.37 -3.65
C LYS B 92 -12.13 -28.30 -3.27
N ARG B 93 -11.52 -27.15 -3.55
CA ARG B 93 -10.11 -26.93 -3.19
C ARG B 93 -9.96 -26.48 -1.73
N LYS B 94 -8.79 -26.71 -1.15
CA LYS B 94 -8.50 -26.16 0.16
C LYS B 94 -8.29 -24.65 0.05
N THR B 95 -8.60 -23.92 1.11
CA THR B 95 -8.56 -22.46 1.03
C THR B 95 -7.24 -21.97 0.45
N ASP B 96 -6.14 -22.47 1.01
CA ASP B 96 -4.81 -21.97 0.65
C ASP B 96 -4.56 -22.16 -0.83
N GLN B 97 -4.98 -23.30 -1.35
CA GLN B 97 -4.85 -23.60 -2.76
C GLN B 97 -5.76 -22.68 -3.58
N PHE B 98 -6.99 -22.49 -3.10
CA PHE B 98 -7.96 -21.66 -3.81
C PHE B 98 -7.53 -20.20 -3.94
N LEU B 99 -7.01 -19.61 -2.87
CA LEU B 99 -6.51 -18.24 -2.94
C LEU B 99 -5.34 -18.08 -3.92
N ARG B 100 -4.42 -19.04 -3.94
CA ARG B 100 -3.31 -19.00 -4.89
C ARG B 100 -3.80 -19.03 -6.34
N ASP B 101 -4.79 -19.86 -6.62
CA ASP B 101 -5.38 -19.91 -7.94
C ASP B 101 -6.10 -18.60 -8.25
N ALA B 102 -6.85 -18.07 -7.27
CA ALA B 102 -7.61 -16.84 -7.49
C ALA B 102 -6.68 -15.68 -7.81
N VAL B 103 -5.66 -15.50 -6.99
CA VAL B 103 -4.69 -14.42 -7.18
C VAL B 103 -3.91 -14.55 -8.49
N GLU B 104 -3.38 -15.73 -8.75
CA GLU B 104 -2.68 -15.94 -10.00
C GLU B 104 -3.59 -15.58 -11.17
N THR B 105 -4.82 -16.08 -11.13
CA THR B 105 -5.79 -15.85 -12.19
C THR B 105 -5.99 -14.35 -12.40
N ARG B 106 -5.99 -13.60 -11.30
CA ARG B 106 -6.23 -12.17 -11.35
C ARG B 106 -5.02 -11.43 -11.93
N LEU B 107 -3.81 -11.86 -11.56
CA LEU B 107 -2.60 -11.15 -11.97
C LEU B 107 -2.16 -11.46 -13.39
N ARG B 108 -2.62 -12.58 -13.93
CA ARG B 108 -2.29 -12.94 -15.31
C ARG B 108 -3.03 -12.06 -16.31
N LEU B 110 -2.99 -9.02 -16.07
CA LEU B 110 -2.13 -7.85 -16.15
C LEU B 110 -1.09 -7.95 -17.26
N ILE B 111 -0.75 -9.19 -17.62
CA ILE B 111 0.41 -9.48 -18.46
C ILE B 111 0.42 -8.72 -19.79
N PRO B 112 -0.71 -8.71 -20.50
CA PRO B 112 -0.71 -7.99 -21.79
C PRO B 112 -0.47 -6.49 -21.61
N TYR B 113 -0.61 -5.99 -20.38
CA TYR B 113 -0.45 -4.56 -20.13
C TYR B 113 0.70 -4.29 -19.20
N ILE B 114 1.52 -5.30 -18.97
CA ILE B 114 2.50 -5.23 -17.90
C ILE B 114 3.51 -4.10 -18.08
N GLU B 115 3.78 -3.73 -19.32
CA GLU B 115 4.81 -2.72 -19.61
C GLU B 115 4.58 -1.40 -18.89
N HIS B 116 3.33 -0.95 -18.85
CA HIS B 116 3.01 0.34 -18.28
C HIS B 116 2.30 0.20 -16.95
N TRP B 117 2.04 -1.04 -16.53
CA TRP B 117 1.35 -1.23 -15.26
C TRP B 117 2.00 -0.53 -14.04
N PRO B 118 3.34 -0.55 -13.94
CA PRO B 118 3.96 0.17 -12.82
C PRO B 118 3.51 1.64 -12.74
N ARG B 119 3.41 2.32 -13.86
CA ARG B 119 2.90 3.70 -13.79
C ARG B 119 1.42 3.74 -13.37
N ALA B 120 0.61 2.83 -13.91
CA ALA B 120 -0.80 2.77 -13.55
C ALA B 120 -0.95 2.60 -12.03
N LEU B 121 -0.07 1.79 -11.44
CA LEU B 121 -0.12 1.51 -10.01
C LEU B 121 0.14 2.77 -9.20
N SER B 122 1.12 3.56 -9.61
CA SER B 122 1.42 4.82 -8.93
C SER B 122 0.20 5.72 -8.94
N ILE B 123 -0.53 5.71 -10.05
CA ILE B 123 -1.62 6.64 -10.22
C ILE B 123 -2.76 6.20 -9.32
N LEU B 124 -2.96 4.89 -9.22
CA LEU B 124 -3.93 4.33 -8.30
C LEU B 124 -3.64 4.78 -6.86
N LEU B 126 -2.37 7.65 -5.83
CA LEU B 126 -2.58 9.06 -5.57
C LEU B 126 -3.80 9.24 -4.67
N PRO B 127 -3.82 10.31 -3.86
CA PRO B 127 -4.91 10.61 -2.94
C PRO B 127 -6.28 10.64 -3.59
N HIS B 128 -6.41 11.29 -4.75
CA HIS B 128 -7.71 11.41 -5.40
C HIS B 128 -8.24 10.13 -6.05
N ASN B 129 -7.37 9.15 -6.29
CA ASN B 129 -7.81 7.89 -6.85
C ASN B 129 -7.98 6.85 -5.78
N ILE B 130 -7.31 7.07 -4.65
CA ILE B 130 -7.23 6.05 -3.60
C ILE B 130 -8.59 5.57 -3.05
N PRO B 131 -9.55 6.47 -2.80
CA PRO B 131 -10.77 5.88 -2.26
C PRO B 131 -11.38 4.88 -3.24
N SER B 132 -11.38 5.23 -4.52
CA SER B 132 -11.89 4.34 -5.55
C SER B 132 -11.10 3.04 -5.70
N SER B 133 -9.79 3.13 -5.77
CA SER B 133 -8.99 1.95 -6.06
C SER B 133 -8.97 1.01 -4.87
N LEU B 134 -8.89 1.59 -3.68
CA LEU B 134 -8.98 0.79 -2.46
C LEU B 134 -10.34 0.08 -2.35
N SER B 135 -11.36 0.70 -2.89
CA SER B 135 -12.71 0.16 -2.80
C SER B 135 -12.83 -1.05 -3.74
N LEU B 136 -12.24 -0.93 -4.94
CA LEU B 136 -12.17 -2.05 -5.87
C LEU B 136 -11.37 -3.21 -5.26
N LEU B 137 -10.25 -2.87 -4.63
CA LEU B 137 -9.37 -3.88 -4.06
C LEU B 137 -10.05 -4.73 -3.02
N THR B 138 -10.74 -4.07 -2.11
CA THR B 138 -11.43 -4.74 -1.02
C THR B 138 -12.70 -5.46 -1.48
N SER B 139 -13.36 -4.95 -2.52
CA SER B 139 -14.49 -5.67 -3.08
C SER B 139 -13.96 -6.94 -3.73
N VAL B 141 -11.25 -8.59 -2.91
CA VAL B 141 -10.78 -9.46 -1.84
C VAL B 141 -11.95 -10.15 -1.14
N ASP B 142 -13.07 -9.44 -1.01
CA ASP B 142 -14.29 -10.01 -0.43
C ASP B 142 -14.84 -11.12 -1.31
N ASP B 143 -14.76 -10.93 -2.62
CA ASP B 143 -15.20 -11.95 -3.57
C ASP B 143 -14.37 -13.22 -3.50
N TRP B 145 -12.68 -14.33 -1.01
CA TRP B 145 -13.06 -14.97 0.25
C TRP B 145 -14.44 -15.61 0.20
N HIS B 146 -15.38 -14.97 -0.49
CA HIS B 146 -16.72 -15.52 -0.57
C HIS B 146 -16.67 -16.90 -1.20
N TYR B 147 -15.97 -16.98 -2.34
CA TYR B 147 -15.89 -18.23 -3.08
C TYR B 147 -14.94 -19.24 -2.48
N ALA B 148 -14.03 -18.80 -1.63
CA ALA B 148 -13.21 -19.74 -0.89
C ALA B 148 -14.13 -20.60 0.00
N GLY B 149 -14.66 -20.00 1.07
CA GLY B 149 -15.57 -20.69 1.97
C GLY B 149 -14.97 -21.35 3.20
N ASP B 150 -15.10 -20.71 4.36
CA ASP B 150 -14.79 -21.34 5.65
C ASP B 150 -15.99 -21.29 6.60
N PHE B 155 -9.81 -16.46 11.24
CA PHE B 155 -9.66 -15.00 11.20
C PHE B 155 -10.99 -14.29 10.93
N ASN B 156 -11.20 -13.19 11.65
CA ASN B 156 -12.37 -12.36 11.42
C ASN B 156 -12.27 -11.68 10.07
N TRP B 157 -13.39 -11.09 9.66
CA TRP B 157 -13.50 -10.48 8.35
C TRP B 157 -12.36 -9.50 8.04
N TYR B 158 -11.91 -8.77 9.06
CA TYR B 158 -10.95 -7.67 8.88
C TYR B 158 -9.52 -8.15 8.65
N THR B 159 -9.17 -9.21 9.36
CA THR B 159 -7.89 -9.85 9.24
C THR B 159 -7.78 -10.67 7.94
N ARG B 160 -8.89 -11.17 7.47
CA ARG B 160 -8.88 -11.90 6.21
C ARG B 160 -8.72 -10.91 5.06
N ARG B 161 -9.48 -9.83 5.14
CA ARG B 161 -9.50 -8.82 4.10
C ARG B 161 -8.12 -8.17 3.96
N ALA B 162 -7.52 -7.83 5.09
CA ALA B 162 -6.21 -7.19 5.12
C ALA B 162 -5.10 -8.13 4.70
N LEU B 164 -5.30 -10.87 2.68
CA LEU B 164 -5.42 -11.16 1.26
C LEU B 164 -5.06 -9.94 0.38
N ALA B 165 -5.50 -8.74 0.79
CA ALA B 165 -5.13 -7.54 0.08
C ALA B 165 -3.61 -7.32 0.09
N ALA B 166 -2.99 -7.60 1.22
CA ALA B 166 -1.53 -7.44 1.31
C ALA B 166 -0.82 -8.50 0.49
N ILE B 167 -1.36 -9.71 0.47
CA ILE B 167 -0.81 -10.76 -0.37
C ILE B 167 -0.95 -10.36 -1.82
N TYR B 168 -2.11 -9.80 -2.17
CA TYR B 168 -2.32 -9.36 -3.54
C TYR B 168 -1.36 -8.25 -3.96
N ASN B 169 -1.22 -7.22 -3.14
CA ASN B 169 -0.44 -6.05 -3.55
C ASN B 169 1.06 -6.33 -3.58
N THR B 170 1.56 -7.04 -2.57
CA THR B 170 2.96 -7.38 -2.56
C THR B 170 3.31 -8.30 -3.76
N THR B 171 2.48 -9.33 -3.99
CA THR B 171 2.72 -10.20 -5.13
C THR B 171 2.68 -9.39 -6.42
N GLU B 172 1.78 -8.41 -6.46
CA GLU B 172 1.69 -7.52 -7.61
C GLU B 172 3.01 -6.76 -7.83
N LEU B 173 3.53 -6.14 -6.77
CA LEU B 173 4.79 -5.41 -6.85
C LEU B 173 5.93 -6.32 -7.31
N VAL B 174 5.94 -7.54 -6.78
CA VAL B 174 7.02 -8.47 -7.10
C VAL B 174 6.99 -8.86 -8.58
N GLN B 177 8.79 -6.92 -11.31
CA GLN B 177 10.25 -7.00 -11.38
C GLN B 177 10.65 -8.39 -11.78
N ASP B 178 9.65 -9.23 -12.03
CA ASP B 178 9.87 -10.66 -12.28
C ASP B 178 10.08 -10.94 -13.77
N SER B 179 11.18 -11.60 -14.10
CA SER B 179 11.42 -11.97 -15.50
C SER B 179 11.80 -13.44 -15.66
N SER B 180 11.48 -14.24 -14.64
CA SER B 180 11.58 -15.69 -14.76
C SER B 180 10.50 -16.17 -15.73
N PRO B 181 10.70 -17.37 -16.33
CA PRO B 181 9.73 -17.84 -17.34
C PRO B 181 8.32 -18.05 -16.77
N ASP B 182 7.32 -17.49 -17.46
CA ASP B 182 5.94 -17.60 -17.02
C ASP B 182 5.75 -17.10 -15.58
N PHE B 183 6.65 -16.22 -15.13
CA PHE B 183 6.56 -15.60 -13.79
C PHE B 183 6.63 -16.62 -12.63
N GLU B 184 7.40 -17.67 -12.82
CA GLU B 184 7.60 -18.68 -11.78
C GLU B 184 7.86 -18.03 -10.43
N ASP B 185 8.75 -17.05 -10.41
CA ASP B 185 9.16 -16.38 -9.18
C ASP B 185 7.97 -15.73 -8.48
N THR B 186 7.14 -15.03 -9.25
CA THR B 186 5.96 -14.40 -8.68
C THR B 186 5.04 -15.42 -8.01
N TRP B 187 4.77 -16.53 -8.70
CA TRP B 187 3.84 -17.51 -8.15
C TRP B 187 4.44 -18.19 -6.93
N ARG B 188 5.76 -18.28 -6.92
CA ARG B 188 6.51 -18.80 -5.79
C ARG B 188 6.35 -17.85 -4.59
N PHE B 189 6.64 -16.58 -4.82
CA PHE B 189 6.39 -15.56 -3.81
C PHE B 189 4.97 -15.68 -3.25
N LEU B 190 4.00 -15.78 -4.16
CA LEU B 190 2.59 -15.93 -3.82
C LEU B 190 2.35 -17.09 -2.87
N GLU B 191 2.87 -18.26 -3.21
CA GLU B 191 2.68 -19.44 -2.37
C GLU B 191 3.25 -19.20 -0.97
N ASN B 192 4.47 -18.69 -0.93
CA ASN B 192 5.09 -18.33 0.34
C ASN B 192 4.27 -17.37 1.17
N ARG B 193 3.67 -16.36 0.53
CA ARG B 193 2.85 -15.41 1.27
C ARG B 193 1.56 -16.10 1.74
N VAL B 194 0.93 -16.87 0.86
CA VAL B 194 -0.31 -17.54 1.25
C VAL B 194 -0.08 -18.48 2.44
N ASN B 195 1.01 -19.22 2.43
CA ASN B 195 1.34 -20.06 3.59
C ASN B 195 1.69 -19.24 4.83
N ASP B 196 2.34 -18.11 4.65
CA ASP B 196 2.58 -17.19 5.76
C ASP B 196 1.26 -16.77 6.41
N ALA B 197 0.21 -16.60 5.60
CA ALA B 197 -1.08 -16.19 6.14
C ALA B 197 -1.85 -17.34 6.78
N ASN B 199 -0.66 -19.93 8.30
CA ASN B 199 -0.04 -20.29 9.58
C ASN B 199 0.00 -19.15 10.58
N GLY B 201 2.82 -16.76 10.36
CA GLY B 201 4.25 -16.68 10.62
C GLY B 201 4.83 -17.96 11.19
N THR B 210 12.27 -14.74 -0.40
CA THR B 210 11.19 -13.88 -0.91
C THR B 210 11.20 -12.49 -0.27
N GLY B 211 11.82 -12.37 0.91
CA GLY B 211 11.90 -11.09 1.59
C GLY B 211 12.52 -10.01 0.72
N GLU B 212 13.74 -10.26 0.25
CA GLU B 212 14.44 -9.30 -0.59
C GLU B 212 13.67 -8.98 -1.88
N ALA B 213 12.97 -9.97 -2.41
CA ALA B 213 12.16 -9.79 -3.62
C ALA B 213 11.18 -8.64 -3.42
N LEU B 214 10.55 -8.59 -2.25
CA LEU B 214 9.61 -7.50 -1.98
C LEU B 214 10.29 -6.13 -1.81
N VAL B 215 11.50 -6.09 -1.25
CA VAL B 215 12.14 -4.78 -1.15
C VAL B 215 12.54 -4.22 -2.53
N GLN B 216 12.90 -5.07 -3.48
CA GLN B 216 13.05 -4.57 -4.85
C GLN B 216 11.70 -4.16 -5.44
N GLY B 217 10.67 -4.92 -5.16
CA GLY B 217 9.32 -4.47 -5.49
C GLY B 217 9.03 -3.06 -4.97
N LEU B 218 9.29 -2.80 -3.68
CA LEU B 218 8.94 -1.50 -3.13
C LEU B 218 9.82 -0.43 -3.73
N GLY B 220 11.07 -0.47 -6.69
CA GLY B 220 10.45 -0.25 -7.97
C GLY B 220 9.28 0.72 -7.86
N ALA B 221 8.44 0.52 -6.85
CA ALA B 221 7.29 1.40 -6.68
C ALA B 221 7.72 2.80 -6.22
N ALA B 222 8.72 2.84 -5.34
CA ALA B 222 9.32 4.12 -4.99
C ALA B 222 9.75 4.89 -6.24
N VAL B 223 10.49 4.22 -7.12
CA VAL B 223 10.98 4.87 -8.34
C VAL B 223 9.84 5.35 -9.24
N THR B 224 8.81 4.54 -9.44
CA THR B 224 7.74 5.00 -10.30
C THR B 224 7.01 6.21 -9.71
N LEU B 225 6.73 6.20 -8.40
CA LEU B 225 6.11 7.36 -7.76
C LEU B 225 6.93 8.62 -7.95
N LYS B 226 8.23 8.54 -7.68
CA LYS B 226 9.05 9.73 -7.79
C LYS B 226 9.10 10.30 -9.20
N ASN B 227 8.82 9.47 -10.22
CA ASN B 227 8.81 9.98 -11.61
C ASN B 227 7.50 10.69 -12.00
N LEU B 228 6.91 11.42 -11.06
CA LEU B 228 5.76 12.28 -11.31
C LEU B 228 5.08 12.66 -9.98
#